data_3PID
#
_entry.id   3PID
#
_cell.length_a   107.970
_cell.length_b   63.722
_cell.length_c   79.096
_cell.angle_alpha   90.00
_cell.angle_beta   114.70
_cell.angle_gamma   90.00
#
_symmetry.space_group_name_H-M   'C 1 2 1'
#
loop_
_entity.id
_entity.type
_entity.pdbx_description
1 polymer 'UDP-glucose 6-dehydrogenase'
2 water water
#
_entity_poly.entity_id   1
_entity_poly.type   'polypeptide(L)'
_entity_poly.pdbx_seq_one_letter_code
;MGSSHHHHHHSSGLVPRGSHMASMTGGQQMGRGSEFMKITISGTGYVGLSNGVLIAQNHEVVALDIVQAKVDMLNQKISP
IVDKEIQEYLAEKPLNFRATTDKHDAYRNADYVIIATPTDYDPKTNYFNTSTVEAVIRDVTEINPNAVMIIKSTIPVGFT
RDIKERLGIDNVIFSPEFLREGRALYDNLHPSRIVIGERSARAERFADLLKEGAIKQDIPTLFTDSTEAEAIKLFANTYL
ALRVAYFNELDSYAESQGLNSKQIIEGVCLDPRIGNHYNNPSFGYGGYCLPKDTKQLLANYESVPNNIIAAIVDANRTRK
DFIADSILARKPKVVGVYRLIMKSGSDNFRASSIQGIMKRIKAKGIPVIIYEPVMQEDEFFNSRVVRDLNAFKQEADVII
SNRMAEELADVADKVYTRDLFGNDLEHHHHHH
;
_entity_poly.pdbx_strand_id   A
#
# COMPACT_ATOMS: atom_id res chain seq x y z
N GLU A 35 7.18 10.86 -31.67
CA GLU A 35 5.94 10.08 -31.43
C GLU A 35 5.07 10.94 -30.49
N PHE A 36 3.78 10.82 -30.74
CA PHE A 36 2.80 11.51 -29.94
C PHE A 36 1.64 10.53 -29.96
N MET A 37 1.54 9.79 -28.86
CA MET A 37 0.56 8.73 -28.76
C MET A 37 -0.69 9.15 -28.04
N LYS A 38 -1.69 8.27 -28.10
CA LYS A 38 -2.90 8.47 -27.29
C LYS A 38 -2.86 7.33 -26.23
N ILE A 39 -2.95 7.77 -24.97
CA ILE A 39 -3.00 6.80 -23.85
C ILE A 39 -4.29 7.10 -23.08
N THR A 40 -5.12 6.06 -22.94
CA THR A 40 -6.34 6.19 -22.17
C THR A 40 -6.12 5.59 -20.78
N ILE A 41 -6.64 6.28 -19.77
CA ILE A 41 -6.62 5.78 -18.38
C ILE A 41 -8.04 5.29 -18.06
N SER A 42 -8.14 4.03 -17.68
CA SER A 42 -9.44 3.47 -17.26
C SER A 42 -9.29 3.20 -15.76
N GLY A 43 -9.82 4.13 -14.98
CA GLY A 43 -9.73 4.06 -13.52
C GLY A 43 -9.01 5.32 -13.09
N THR A 44 -9.70 6.24 -12.39
CA THR A 44 -9.11 7.51 -12.01
C THR A 44 -8.76 7.66 -10.55
N GLY A 45 -8.39 6.55 -9.93
CA GLY A 45 -7.86 6.65 -8.58
C GLY A 45 -6.40 7.09 -8.64
N TYR A 46 -5.68 7.03 -7.54
CA TYR A 46 -4.32 7.53 -7.55
C TYR A 46 -3.38 6.84 -8.53
N VAL A 47 -3.53 5.54 -8.76
CA VAL A 47 -2.64 4.85 -9.69
C VAL A 47 -2.94 5.34 -11.11
N GLY A 48 -4.21 5.35 -11.51
CA GLY A 48 -4.48 5.75 -12.88
C GLY A 48 -4.22 7.22 -13.11
N LEU A 49 -4.68 8.07 -12.20
CA LEU A 49 -4.49 9.49 -12.41
C LEU A 49 -3.03 9.90 -12.35
N SER A 50 -2.20 9.31 -11.48
CA SER A 50 -0.80 9.74 -11.45
C SER A 50 -0.10 9.30 -12.77
N ASN A 51 -0.41 8.10 -13.28
CA ASN A 51 0.18 7.68 -14.54
C ASN A 51 -0.35 8.58 -15.69
N GLY A 52 -1.63 8.96 -15.66
CA GLY A 52 -2.19 9.81 -16.72
C GLY A 52 -1.54 11.19 -16.73
N VAL A 53 -1.37 11.81 -15.57
CA VAL A 53 -0.81 13.14 -15.51
C VAL A 53 0.64 13.07 -15.93
N LEU A 54 1.38 12.04 -15.48
CA LEU A 54 2.77 11.91 -15.86
C LEU A 54 2.88 11.89 -17.42
N ILE A 55 2.08 11.05 -18.03
CA ILE A 55 2.17 10.86 -19.49
C ILE A 55 1.59 12.03 -20.27
N ALA A 56 0.65 12.77 -19.68
CA ALA A 56 0.03 13.91 -20.39
C ALA A 56 1.01 15.07 -20.58
N GLN A 57 2.17 15.04 -19.93
CA GLN A 57 3.17 16.08 -20.17
C GLN A 57 3.67 15.98 -21.60
N ASN A 58 3.65 14.79 -22.21
CA ASN A 58 4.19 14.62 -23.56
C ASN A 58 3.34 13.92 -24.58
N HIS A 59 2.22 13.35 -24.18
CA HIS A 59 1.34 12.65 -25.13
C HIS A 59 -0.10 13.07 -24.86
N GLU A 60 -1.05 12.49 -25.58
CA GLU A 60 -2.48 12.78 -25.45
C GLU A 60 -3.07 11.73 -24.46
N VAL A 61 -3.62 12.24 -23.36
CA VAL A 61 -4.16 11.32 -22.36
C VAL A 61 -5.65 11.62 -22.21
N VAL A 62 -6.43 10.55 -22.20
CA VAL A 62 -7.89 10.65 -22.01
C VAL A 62 -8.27 9.76 -20.83
N ALA A 63 -8.84 10.36 -19.80
CA ALA A 63 -9.26 9.59 -18.60
C ALA A 63 -10.75 9.26 -18.68
N LEU A 64 -11.06 7.98 -18.60
CA LEU A 64 -12.45 7.48 -18.63
C LEU A 64 -12.97 7.28 -17.18
N ASP A 65 -14.11 7.89 -16.85
CA ASP A 65 -14.74 7.70 -15.54
C ASP A 65 -16.25 7.93 -15.76
N ILE A 66 -17.08 7.04 -15.25
CA ILE A 66 -18.53 7.19 -15.44
C ILE A 66 -19.17 8.25 -14.56
N VAL A 67 -18.48 8.68 -13.52
CA VAL A 67 -19.06 9.70 -12.66
C VAL A 67 -18.86 11.06 -13.33
N GLN A 68 -19.93 11.65 -13.80
CA GLN A 68 -19.86 12.94 -14.45
C GLN A 68 -19.22 14.03 -13.60
N ALA A 69 -19.48 14.04 -12.30
CA ALA A 69 -18.93 15.07 -11.42
C ALA A 69 -17.41 15.01 -11.39
N LYS A 70 -16.86 13.81 -11.45
CA LYS A 70 -15.39 13.68 -11.43
C LYS A 70 -14.82 14.06 -12.79
N VAL A 71 -15.50 13.65 -13.85
CA VAL A 71 -15.08 14.03 -15.20
C VAL A 71 -15.09 15.55 -15.30
N ASP A 72 -16.17 16.19 -14.80
CA ASP A 72 -16.25 17.65 -14.85
C ASP A 72 -15.16 18.29 -14.02
N MET A 73 -14.89 17.76 -12.83
CA MET A 73 -13.82 18.30 -12.02
C MET A 73 -12.52 18.24 -12.80
N LEU A 74 -12.23 17.05 -13.33
CA LEU A 74 -10.99 16.87 -14.06
C LEU A 74 -10.85 17.80 -15.25
N ASN A 75 -11.95 18.01 -15.98
CA ASN A 75 -11.88 18.93 -17.09
C ASN A 75 -11.77 20.39 -16.65
N GLN A 76 -12.14 20.67 -15.40
CA GLN A 76 -11.98 22.01 -14.80
C GLN A 76 -10.61 22.09 -14.11
N LYS A 77 -9.74 21.08 -14.33
CA LYS A 77 -8.39 21.03 -13.78
C LYS A 77 -8.27 20.98 -12.25
N ILE A 78 -9.27 20.32 -11.70
CA ILE A 78 -9.40 20.05 -10.27
C ILE A 78 -9.28 18.52 -10.04
N SER A 79 -8.38 18.15 -9.16
CA SER A 79 -8.19 16.75 -8.85
C SER A 79 -9.24 16.21 -7.89
N PRO A 80 -9.83 15.07 -8.18
CA PRO A 80 -10.83 14.48 -7.29
C PRO A 80 -10.18 13.75 -6.10
N ILE A 81 -8.87 13.67 -6.09
CA ILE A 81 -8.16 12.96 -5.01
C ILE A 81 -7.12 13.86 -4.36
N VAL A 82 -6.70 13.46 -3.14
CA VAL A 82 -5.74 14.22 -2.41
C VAL A 82 -4.32 13.78 -2.76
N ASP A 83 -3.64 14.66 -3.49
CA ASP A 83 -2.26 14.45 -3.95
C ASP A 83 -1.78 15.82 -4.40
N LYS A 84 -0.88 16.40 -3.62
CA LYS A 84 -0.38 17.75 -3.88
C LYS A 84 0.18 17.97 -5.28
N GLU A 85 0.98 17.04 -5.76
CA GLU A 85 1.58 17.19 -7.06
C GLU A 85 0.56 16.97 -8.17
N ILE A 86 -0.36 16.02 -8.04
CA ILE A 86 -1.38 15.90 -9.09
C ILE A 86 -2.15 17.20 -9.20
N GLN A 87 -2.53 17.78 -8.06
CA GLN A 87 -3.31 19.03 -8.05
C GLN A 87 -2.51 20.16 -8.71
N GLU A 88 -1.23 20.26 -8.37
CA GLU A 88 -0.36 21.29 -8.93
C GLU A 88 -0.16 21.12 -10.41
N TYR A 89 0.14 19.90 -10.84
CA TYR A 89 0.34 19.69 -12.29
C TYR A 89 -0.94 19.97 -13.09
N LEU A 90 -2.09 19.47 -12.63
CA LEU A 90 -3.37 19.71 -13.31
C LEU A 90 -3.66 21.18 -13.42
N ALA A 91 -3.39 21.92 -12.35
CA ALA A 91 -3.70 23.35 -12.39
C ALA A 91 -2.68 24.24 -13.03
N GLU A 92 -1.40 23.88 -13.00
CA GLU A 92 -0.39 24.77 -13.50
C GLU A 92 0.38 24.37 -14.77
N LYS A 93 0.36 23.10 -15.18
CA LYS A 93 1.15 22.69 -16.33
C LYS A 93 0.28 22.46 -17.56
N PRO A 94 0.85 22.66 -18.74
CA PRO A 94 0.12 22.48 -19.99
C PRO A 94 0.07 21.01 -20.37
N LEU A 95 -0.89 20.34 -19.84
CA LEU A 95 -1.06 18.89 -20.08
C LEU A 95 -2.09 18.64 -21.18
N ASN A 96 -1.77 17.70 -22.06
CA ASN A 96 -2.76 17.28 -23.06
C ASN A 96 -3.55 16.15 -22.33
N PHE A 97 -4.50 16.62 -21.54
CA PHE A 97 -5.31 15.74 -20.67
C PHE A 97 -6.75 16.15 -20.69
N ARG A 98 -7.63 15.16 -20.82
CA ARG A 98 -9.05 15.44 -20.70
C ARG A 98 -9.74 14.21 -20.11
N ALA A 99 -10.98 14.38 -19.66
CA ALA A 99 -11.74 13.25 -19.10
C ALA A 99 -13.06 13.11 -19.84
N THR A 100 -13.58 11.90 -19.87
CA THR A 100 -14.85 11.64 -20.53
C THR A 100 -15.53 10.50 -19.82
N THR A 101 -16.87 10.45 -19.97
CA THR A 101 -17.66 9.36 -19.41
C THR A 101 -17.95 8.36 -20.53
N ASP A 102 -17.58 8.70 -21.76
CA ASP A 102 -17.87 7.88 -22.92
C ASP A 102 -16.77 6.88 -23.29
N LYS A 103 -17.07 5.60 -23.19
CA LYS A 103 -16.09 4.57 -23.51
C LYS A 103 -15.58 4.59 -24.92
N HIS A 104 -16.43 4.90 -25.90
CA HIS A 104 -15.98 4.88 -27.27
C HIS A 104 -15.00 6.02 -27.54
N ASP A 105 -15.38 7.19 -27.03
CA ASP A 105 -14.56 8.42 -27.15
C ASP A 105 -13.21 8.09 -26.46
N ALA A 106 -13.26 7.43 -25.31
CA ALA A 106 -12.02 7.17 -24.57
C ALA A 106 -11.10 6.17 -25.23
N TYR A 107 -11.64 5.05 -25.66
CA TYR A 107 -10.78 4.02 -26.18
C TYR A 107 -10.40 4.07 -27.65
N ARG A 108 -11.26 4.71 -28.46
CA ARG A 108 -10.94 4.74 -29.86
C ARG A 108 -9.61 5.43 -30.12
N ASN A 109 -8.83 4.79 -30.96
CA ASN A 109 -7.53 5.28 -31.41
C ASN A 109 -6.47 5.31 -30.34
N ALA A 110 -6.77 4.68 -29.19
CA ALA A 110 -5.71 4.63 -28.16
C ALA A 110 -4.62 3.67 -28.57
N ASP A 111 -3.38 4.08 -28.35
CA ASP A 111 -2.24 3.20 -28.53
C ASP A 111 -2.13 2.25 -27.31
N TYR A 112 -2.32 2.82 -26.12
CA TYR A 112 -2.26 2.02 -24.87
C TYR A 112 -3.43 2.44 -24.04
N VAL A 113 -3.94 1.47 -23.27
CA VAL A 113 -4.99 1.75 -22.27
C VAL A 113 -4.43 1.25 -20.95
N ILE A 114 -4.31 2.16 -19.98
CA ILE A 114 -3.82 1.76 -18.65
C ILE A 114 -5.04 1.42 -17.82
N ILE A 115 -5.10 0.18 -17.33
CA ILE A 115 -6.21 -0.31 -16.49
C ILE A 115 -5.79 -0.19 -15.04
N ALA A 116 -6.52 0.68 -14.34
CA ALA A 116 -6.20 0.97 -12.94
C ALA A 116 -7.47 1.04 -12.10
N THR A 117 -8.36 0.10 -12.36
CA THR A 117 -9.67 -0.02 -11.66
C THR A 117 -9.49 -0.81 -10.36
N PRO A 118 -10.44 -0.68 -9.42
CA PRO A 118 -10.31 -1.36 -8.13
C PRO A 118 -10.42 -2.87 -8.16
N THR A 119 -9.57 -3.52 -7.36
CA THR A 119 -9.59 -4.98 -7.18
C THR A 119 -9.43 -5.26 -5.69
N ASP A 120 -9.71 -6.49 -5.28
CA ASP A 120 -9.60 -6.80 -3.87
C ASP A 120 -9.35 -8.29 -3.67
N TYR A 121 -8.44 -8.59 -2.76
CA TYR A 121 -8.16 -9.95 -2.39
C TYR A 121 -8.69 -10.18 -0.97
N ASP A 122 -9.47 -11.25 -0.81
CA ASP A 122 -10.02 -11.62 0.52
C ASP A 122 -9.26 -12.85 1.02
N PRO A 123 -8.41 -12.69 2.05
CA PRO A 123 -7.67 -13.84 2.54
C PRO A 123 -8.48 -14.97 3.13
N LYS A 124 -9.64 -14.65 3.67
CA LYS A 124 -10.40 -15.73 4.30
C LYS A 124 -10.88 -16.72 3.28
N THR A 125 -11.28 -16.22 2.11
CA THR A 125 -11.79 -17.13 1.10
C THR A 125 -10.84 -17.35 -0.06
N ASN A 126 -9.69 -16.68 -0.04
CA ASN A 126 -8.70 -16.79 -1.10
C ASN A 126 -9.32 -16.38 -2.43
N TYR A 127 -10.18 -15.38 -2.37
CA TYR A 127 -10.86 -14.86 -3.57
C TYR A 127 -10.28 -13.51 -3.93
N PHE A 128 -9.87 -13.44 -5.20
CA PHE A 128 -9.33 -12.19 -5.73
C PHE A 128 -10.37 -11.66 -6.74
N ASN A 129 -11.02 -10.57 -6.38
CA ASN A 129 -12.05 -9.99 -7.22
C ASN A 129 -11.36 -9.10 -8.24
N THR A 130 -11.42 -9.55 -9.49
CA THR A 130 -10.85 -8.83 -10.65
C THR A 130 -11.91 -8.37 -11.64
N SER A 131 -13.15 -8.34 -11.22
CA SER A 131 -14.25 -8.00 -12.11
C SER A 131 -14.07 -6.67 -12.83
N THR A 132 -13.54 -5.63 -12.17
CA THR A 132 -13.46 -4.36 -12.85
C THR A 132 -12.45 -4.43 -13.97
N VAL A 133 -11.36 -5.17 -13.77
CA VAL A 133 -10.33 -5.31 -14.79
C VAL A 133 -10.87 -6.11 -15.95
N GLU A 134 -11.55 -7.21 -15.65
CA GLU A 134 -12.13 -8.03 -16.72
C GLU A 134 -13.20 -7.25 -17.52
N ALA A 135 -13.94 -6.36 -16.88
CA ALA A 135 -14.93 -5.53 -17.59
C ALA A 135 -14.21 -4.58 -18.54
N VAL A 136 -13.07 -4.00 -18.12
CA VAL A 136 -12.38 -3.11 -19.01
C VAL A 136 -11.77 -3.92 -20.16
N ILE A 137 -11.21 -5.10 -19.91
CA ILE A 137 -10.64 -5.90 -20.99
C ILE A 137 -11.75 -6.24 -22.03
N ARG A 138 -12.95 -6.56 -21.54
CA ARG A 138 -14.08 -6.81 -22.44
C ARG A 138 -14.35 -5.57 -23.30
N ASP A 139 -14.44 -4.42 -22.67
CA ASP A 139 -14.78 -3.14 -23.37
C ASP A 139 -13.74 -2.74 -24.38
N VAL A 140 -12.47 -2.81 -24.01
CA VAL A 140 -11.42 -2.45 -24.93
C VAL A 140 -11.32 -3.41 -26.08
N THR A 141 -11.45 -4.71 -25.83
CA THR A 141 -11.41 -5.67 -26.88
C THR A 141 -12.53 -5.42 -27.91
N GLU A 142 -13.70 -5.07 -27.41
CA GLU A 142 -14.81 -4.81 -28.34
C GLU A 142 -14.60 -3.51 -29.13
N ILE A 143 -14.26 -2.42 -28.42
CA ILE A 143 -14.16 -1.11 -29.04
C ILE A 143 -12.90 -0.85 -29.82
N ASN A 144 -11.74 -1.29 -29.34
CA ASN A 144 -10.49 -1.06 -30.02
C ASN A 144 -9.57 -2.26 -29.78
N PRO A 145 -9.74 -3.31 -30.56
CA PRO A 145 -8.92 -4.50 -30.42
C PRO A 145 -7.45 -4.33 -30.73
N ASN A 146 -7.07 -3.18 -31.27
CA ASN A 146 -5.65 -2.94 -31.52
C ASN A 146 -4.95 -2.20 -30.36
N ALA A 147 -5.70 -1.68 -29.39
CA ALA A 147 -5.06 -1.03 -28.24
C ALA A 147 -4.30 -2.02 -27.39
N VAL A 148 -3.17 -1.60 -26.88
CA VAL A 148 -2.39 -2.47 -25.97
C VAL A 148 -2.74 -2.08 -24.52
N MET A 149 -3.33 -3.03 -23.81
CA MET A 149 -3.71 -2.78 -22.41
C MET A 149 -2.57 -3.06 -21.46
N ILE A 150 -2.33 -2.07 -20.58
CA ILE A 150 -1.32 -2.20 -19.52
C ILE A 150 -2.11 -2.21 -18.19
N ILE A 151 -2.06 -3.37 -17.53
CA ILE A 151 -2.76 -3.48 -16.23
C ILE A 151 -1.82 -2.99 -15.12
N LYS A 152 -2.25 -1.92 -14.44
CA LYS A 152 -1.53 -1.43 -13.25
C LYS A 152 -2.28 -1.87 -11.99
N SER A 153 -3.57 -2.20 -12.11
CA SER A 153 -4.35 -2.71 -10.94
C SER A 153 -3.65 -3.96 -10.40
N THR A 154 -3.85 -4.21 -9.10
CA THR A 154 -3.31 -5.40 -8.50
C THR A 154 -4.17 -6.62 -8.91
N ILE A 155 -3.49 -7.66 -9.33
CA ILE A 155 -4.15 -8.85 -9.86
C ILE A 155 -3.44 -10.10 -9.35
N PRO A 156 -4.12 -11.25 -9.40
CA PRO A 156 -3.44 -12.46 -8.90
C PRO A 156 -2.34 -12.96 -9.78
N VAL A 157 -1.39 -13.68 -9.21
CA VAL A 157 -0.30 -14.25 -10.00
C VAL A 157 -0.87 -15.23 -11.00
N GLY A 158 -0.54 -14.99 -12.28
CA GLY A 158 -1.04 -15.84 -13.38
C GLY A 158 -2.21 -15.19 -14.12
N PHE A 159 -2.74 -14.08 -13.63
CA PHE A 159 -3.92 -13.47 -14.27
C PHE A 159 -3.81 -13.16 -15.72
N THR A 160 -2.76 -12.50 -16.13
CA THR A 160 -2.66 -12.00 -17.51
C THR A 160 -2.44 -13.14 -18.47
N ARG A 161 -1.58 -14.10 -18.16
CA ARG A 161 -1.41 -15.23 -19.07
C ARG A 161 -2.74 -15.96 -19.19
N ASP A 162 -3.48 -16.12 -18.11
CA ASP A 162 -4.74 -16.84 -18.16
C ASP A 162 -5.81 -16.06 -18.94
N ILE A 163 -5.92 -14.75 -18.74
CA ILE A 163 -7.02 -14.01 -19.43
C ILE A 163 -6.75 -13.94 -20.93
N LYS A 164 -5.47 -13.85 -21.33
CA LYS A 164 -5.13 -13.81 -22.76
C LYS A 164 -5.55 -15.13 -23.39
N GLU A 165 -5.25 -16.24 -22.73
CA GLU A 165 -5.61 -17.55 -23.25
C GLU A 165 -7.13 -17.71 -23.30
N ARG A 166 -7.79 -17.26 -22.24
CA ARG A 166 -9.24 -17.43 -22.14
C ARG A 166 -9.96 -16.71 -23.24
N LEU A 167 -9.64 -15.44 -23.46
CA LEU A 167 -10.33 -14.61 -24.47
C LEU A 167 -9.73 -14.74 -25.85
N GLY A 168 -8.60 -15.43 -25.95
CA GLY A 168 -7.94 -15.54 -27.23
C GLY A 168 -7.38 -14.20 -27.75
N ILE A 169 -6.85 -13.36 -26.85
CA ILE A 169 -6.31 -12.06 -27.23
C ILE A 169 -4.84 -11.98 -26.80
N ASP A 170 -4.12 -11.05 -27.43
CA ASP A 170 -2.71 -10.92 -27.10
C ASP A 170 -2.39 -9.55 -26.50
N ASN A 171 -3.29 -8.63 -26.54
CA ASN A 171 -2.96 -7.22 -26.21
C ASN A 171 -3.15 -6.78 -24.76
N VAL A 172 -2.58 -7.59 -23.87
CA VAL A 172 -2.68 -7.32 -22.42
C VAL A 172 -1.32 -7.59 -21.82
N ILE A 173 -0.83 -6.63 -21.04
CA ILE A 173 0.48 -6.72 -20.39
C ILE A 173 0.30 -6.18 -18.96
N PHE A 174 0.93 -6.84 -18.00
CA PHE A 174 0.90 -6.38 -16.62
C PHE A 174 2.17 -5.56 -16.31
N SER A 175 2.01 -4.46 -15.58
CA SER A 175 3.16 -3.68 -15.14
C SER A 175 2.87 -3.27 -13.68
N PRO A 176 3.70 -3.71 -12.74
CA PRO A 176 3.41 -3.33 -11.34
C PRO A 176 3.55 -1.85 -11.05
N GLU A 177 2.74 -1.38 -10.13
CA GLU A 177 2.85 0.00 -9.66
C GLU A 177 3.44 -0.06 -8.25
N PHE A 178 4.36 0.88 -7.98
CA PHE A 178 5.05 0.95 -6.68
C PHE A 178 4.77 2.32 -6.06
N LEU A 179 3.51 2.74 -6.08
CA LEU A 179 3.14 4.10 -5.64
C LEU A 179 2.53 4.16 -4.25
N ARG A 180 2.81 5.28 -3.55
CA ARG A 180 2.18 5.49 -2.25
C ARG A 180 1.00 6.43 -2.43
N GLU A 181 -0.16 6.06 -1.92
CA GLU A 181 -1.32 6.94 -1.98
C GLU A 181 -0.97 8.27 -1.30
N GLY A 182 -1.26 9.38 -1.98
CA GLY A 182 -0.94 10.67 -1.42
C GLY A 182 0.34 11.23 -2.01
N ARG A 183 1.19 10.34 -2.55
CA ARG A 183 2.46 10.74 -3.14
C ARG A 183 2.59 10.02 -4.48
N ALA A 184 1.45 9.74 -5.09
CA ALA A 184 1.50 8.89 -6.30
C ALA A 184 2.16 9.53 -7.50
N LEU A 185 1.88 10.80 -7.76
CA LEU A 185 2.57 11.41 -8.90
C LEU A 185 4.07 11.58 -8.55
N TYR A 186 4.37 11.96 -7.32
CA TYR A 186 5.76 12.03 -6.92
C TYR A 186 6.51 10.71 -7.14
N ASP A 187 5.85 9.59 -6.82
CA ASP A 187 6.51 8.30 -6.96
C ASP A 187 6.66 7.91 -8.44
N ASN A 188 5.80 8.45 -9.31
CA ASN A 188 5.96 8.22 -10.75
C ASN A 188 6.99 9.14 -11.35
N LEU A 189 7.22 10.30 -10.70
CA LEU A 189 8.25 11.21 -11.17
C LEU A 189 9.63 10.72 -10.70
N HIS A 190 9.66 9.98 -9.58
CA HIS A 190 10.94 9.45 -9.01
C HIS A 190 10.74 7.98 -8.64
N PRO A 191 10.53 7.09 -9.64
CA PRO A 191 10.29 5.70 -9.33
C PRO A 191 11.49 4.88 -8.94
N SER A 192 11.28 3.89 -8.08
CA SER A 192 12.34 3.00 -7.71
C SER A 192 12.82 2.24 -8.97
N ARG A 193 11.85 1.79 -9.76
CA ARG A 193 12.16 1.07 -11.02
C ARG A 193 10.89 1.00 -11.80
N ILE A 194 11.03 0.62 -13.07
CA ILE A 194 9.90 0.40 -13.96
C ILE A 194 10.01 -1.05 -14.38
N VAL A 195 8.93 -1.83 -14.21
CA VAL A 195 8.93 -3.22 -14.62
C VAL A 195 7.75 -3.42 -15.58
N ILE A 196 8.02 -3.93 -16.78
CA ILE A 196 6.92 -4.25 -17.71
C ILE A 196 6.97 -5.75 -17.95
N GLY A 197 5.83 -6.43 -17.74
CA GLY A 197 5.72 -7.87 -17.91
C GLY A 197 5.59 -8.44 -19.30
N GLU A 198 6.30 -7.84 -20.24
CA GLU A 198 6.42 -8.44 -21.58
C GLU A 198 7.77 -8.01 -22.10
N ARG A 199 8.39 -8.92 -22.86
CA ARG A 199 9.74 -8.63 -23.47
C ARG A 199 9.46 -8.40 -24.97
N SER A 200 9.36 -7.15 -25.34
CA SER A 200 9.00 -6.76 -26.70
C SER A 200 9.20 -5.28 -26.91
N ALA A 201 9.24 -4.87 -28.17
CA ALA A 201 9.38 -3.48 -28.47
C ALA A 201 8.19 -2.67 -27.98
N ARG A 202 6.95 -3.21 -28.05
CA ARG A 202 5.80 -2.38 -27.61
C ARG A 202 5.84 -2.23 -26.06
N ALA A 203 6.43 -3.22 -25.37
CA ALA A 203 6.60 -3.08 -23.89
C ALA A 203 7.63 -2.02 -23.61
N GLU A 204 8.72 -2.01 -24.40
CA GLU A 204 9.75 -0.99 -24.20
C GLU A 204 9.26 0.39 -24.51
N ARG A 205 8.41 0.55 -25.54
CA ARG A 205 7.88 1.89 -25.83
C ARG A 205 7.03 2.41 -24.65
N PHE A 206 6.29 1.48 -23.98
CA PHE A 206 5.53 1.95 -22.84
C PHE A 206 6.46 2.37 -21.70
N ALA A 207 7.49 1.58 -21.43
CA ALA A 207 8.47 1.97 -20.40
C ALA A 207 9.07 3.34 -20.78
N ASP A 208 9.30 3.58 -22.07
CA ASP A 208 9.88 4.89 -22.47
C ASP A 208 8.91 6.01 -22.14
N LEU A 209 7.59 5.80 -22.22
CA LEU A 209 6.64 6.84 -21.87
C LEU A 209 6.84 7.20 -20.39
N LEU A 210 7.00 6.17 -19.56
CA LEU A 210 7.16 6.40 -18.13
C LEU A 210 8.45 7.12 -17.81
N LYS A 211 9.53 6.81 -18.55
CA LYS A 211 10.82 7.49 -18.32
C LYS A 211 10.81 8.95 -18.83
N GLU A 212 10.13 9.18 -19.93
CA GLU A 212 10.07 10.52 -20.54
C GLU A 212 9.41 11.54 -19.63
N GLY A 213 8.37 11.09 -18.94
CA GLY A 213 7.65 11.98 -18.05
C GLY A 213 8.32 12.19 -16.69
N ALA A 214 9.17 11.25 -16.30
CA ALA A 214 9.81 11.32 -14.98
C ALA A 214 10.85 12.42 -14.85
N ILE A 215 11.10 12.81 -13.61
CA ILE A 215 12.14 13.78 -13.28
C ILE A 215 13.42 12.97 -13.07
N LYS A 216 13.37 11.88 -12.29
CA LYS A 216 14.51 11.01 -12.09
C LYS A 216 15.03 10.51 -13.42
N GLN A 217 16.35 10.46 -13.59
CA GLN A 217 16.96 10.01 -14.81
C GLN A 217 17.56 8.62 -14.60
N ASP A 218 17.86 7.96 -15.71
CA ASP A 218 18.42 6.59 -15.72
C ASP A 218 17.69 5.66 -14.74
N ILE A 219 16.38 5.58 -14.90
CA ILE A 219 15.57 4.75 -14.00
C ILE A 219 15.77 3.28 -14.34
N PRO A 220 16.03 2.42 -13.33
CA PRO A 220 16.22 0.98 -13.57
C PRO A 220 14.95 0.46 -14.25
N THR A 221 15.16 -0.26 -15.34
CA THR A 221 14.05 -0.75 -16.13
C THR A 221 14.22 -2.26 -16.37
N LEU A 222 13.17 -3.03 -16.12
CA LEU A 222 13.24 -4.46 -16.26
C LEU A 222 12.06 -4.98 -17.07
N PHE A 223 12.36 -5.83 -18.05
CA PHE A 223 11.32 -6.45 -18.85
C PHE A 223 11.33 -7.91 -18.50
N THR A 224 10.15 -8.43 -18.11
CA THR A 224 10.04 -9.83 -17.73
C THR A 224 8.91 -10.50 -18.50
N ASP A 225 8.74 -11.82 -18.29
CA ASP A 225 7.54 -12.44 -18.80
C ASP A 225 6.35 -12.14 -17.86
N SER A 226 5.14 -12.56 -18.20
CA SER A 226 3.97 -12.04 -17.50
C SER A 226 3.78 -12.47 -16.05
N THR A 227 3.80 -13.78 -15.81
CA THR A 227 3.52 -14.30 -14.48
C THR A 227 4.63 -13.86 -13.53
N GLU A 228 5.88 -13.81 -14.00
CA GLU A 228 6.99 -13.31 -13.15
C GLU A 228 6.72 -11.87 -12.73
N ALA A 229 6.26 -11.00 -13.61
CA ALA A 229 6.00 -9.64 -13.21
C ALA A 229 4.93 -9.55 -12.16
N GLU A 230 3.87 -10.38 -12.30
CA GLU A 230 2.78 -10.39 -11.35
C GLU A 230 3.22 -10.88 -9.97
N ALA A 231 4.31 -11.62 -9.87
CA ALA A 231 4.76 -12.15 -8.56
C ALA A 231 5.65 -11.15 -7.87
N ILE A 232 6.19 -10.14 -8.54
CA ILE A 232 7.16 -9.24 -7.87
C ILE A 232 6.64 -8.54 -6.64
N LYS A 233 5.51 -7.83 -6.69
CA LYS A 233 5.07 -7.13 -5.48
C LYS A 233 4.76 -8.04 -4.35
N LEU A 234 4.19 -9.23 -4.59
CA LEU A 234 3.93 -10.13 -3.46
C LEU A 234 5.25 -10.49 -2.81
N PHE A 235 6.27 -10.85 -3.58
CA PHE A 235 7.56 -11.20 -2.97
C PHE A 235 8.24 -10.02 -2.35
N ALA A 236 8.10 -8.83 -2.91
CA ALA A 236 8.75 -7.67 -2.30
C ALA A 236 8.02 -7.30 -1.00
N ASN A 237 6.71 -7.24 -1.04
CA ASN A 237 5.96 -6.85 0.17
C ASN A 237 6.09 -7.91 1.24
N THR A 238 6.15 -9.18 0.88
CA THR A 238 6.31 -10.24 1.90
C THR A 238 7.71 -10.14 2.51
N TYR A 239 8.72 -9.78 1.74
CA TYR A 239 10.05 -9.58 2.35
C TYR A 239 9.97 -8.41 3.34
N LEU A 240 9.29 -7.32 2.99
CA LEU A 240 9.23 -6.21 3.96
C LEU A 240 8.49 -6.65 5.20
N ALA A 241 7.44 -7.46 5.07
CA ALA A 241 6.75 -7.95 6.27
C ALA A 241 7.67 -8.84 7.05
N LEU A 242 8.44 -9.65 6.38
CA LEU A 242 9.42 -10.53 7.03
C LEU A 242 10.41 -9.72 7.84
N ARG A 243 10.87 -8.62 7.30
CA ARG A 243 11.82 -7.78 8.01
C ARG A 243 11.14 -7.18 9.24
N VAL A 244 9.92 -6.68 9.12
CA VAL A 244 9.24 -6.13 10.29
C VAL A 244 9.09 -7.24 11.31
N ALA A 245 8.67 -8.43 10.88
CA ALA A 245 8.49 -9.52 11.83
C ALA A 245 9.80 -9.93 12.50
N TYR A 246 10.91 -9.93 11.76
CA TYR A 246 12.17 -10.32 12.35
C TYR A 246 12.64 -9.31 13.38
N PHE A 247 12.60 -8.02 13.05
CA PHE A 247 13.02 -7.05 14.04
C PHE A 247 12.05 -7.03 15.20
N ASN A 248 10.78 -7.40 14.99
CA ASN A 248 9.86 -7.47 16.14
C ASN A 248 10.23 -8.68 17.00
N GLU A 249 10.68 -9.80 16.44
CA GLU A 249 11.10 -10.92 17.30
C GLU A 249 12.39 -10.56 18.04
N LEU A 250 13.30 -9.83 17.41
CA LEU A 250 14.49 -9.32 18.12
C LEU A 250 13.99 -8.47 19.30
N ASP A 251 12.99 -7.62 19.07
CA ASP A 251 12.49 -6.76 20.14
C ASP A 251 11.80 -7.58 21.24
N SER A 252 11.06 -8.64 20.89
CA SER A 252 10.44 -9.50 21.92
C SER A 252 11.56 -10.07 22.83
N TYR A 253 12.65 -10.58 22.22
CA TYR A 253 13.78 -11.07 22.97
C TYR A 253 14.38 -9.97 23.83
N ALA A 254 14.61 -8.78 23.31
CA ALA A 254 15.22 -7.72 24.10
C ALA A 254 14.33 -7.40 25.28
N GLU A 255 13.02 -7.29 25.11
CA GLU A 255 12.15 -6.99 26.26
C GLU A 255 12.20 -8.13 27.25
N SER A 256 12.13 -9.35 26.79
CA SER A 256 12.15 -10.52 27.69
C SER A 256 13.43 -10.60 28.51
N GLN A 257 14.54 -10.19 27.93
CA GLN A 257 15.85 -10.34 28.54
C GLN A 257 16.33 -9.09 29.20
N GLY A 258 15.48 -8.05 29.25
CA GLY A 258 15.90 -6.81 29.88
C GLY A 258 17.01 -6.07 29.18
N LEU A 259 17.09 -6.22 27.85
CA LEU A 259 18.12 -5.56 27.08
C LEU A 259 17.60 -4.36 26.33
N ASN A 260 18.52 -3.52 25.88
CA ASN A 260 18.19 -2.31 25.12
C ASN A 260 18.10 -2.65 23.62
N SER A 261 16.87 -2.67 23.11
CA SER A 261 16.61 -3.04 21.73
C SER A 261 17.32 -2.14 20.76
N LYS A 262 17.32 -0.86 21.03
CA LYS A 262 17.94 0.10 20.08
C LYS A 262 19.45 -0.18 19.94
N GLN A 263 20.15 -0.49 21.04
CA GLN A 263 21.59 -0.79 20.94
C GLN A 263 21.81 -1.97 20.05
N ILE A 264 20.98 -2.98 20.18
CA ILE A 264 21.20 -4.18 19.34
C ILE A 264 20.83 -3.86 17.90
N ILE A 265 19.68 -3.24 17.68
CA ILE A 265 19.27 -2.97 16.29
C ILE A 265 20.23 -2.03 15.58
N GLU A 266 20.72 -0.99 16.26
CA GLU A 266 21.68 -0.09 15.61
C GLU A 266 22.94 -0.84 15.24
N GLY A 267 23.44 -1.73 16.10
CA GLY A 267 24.64 -2.46 15.76
C GLY A 267 24.47 -3.44 14.62
N VAL A 268 23.30 -4.09 14.60
CA VAL A 268 22.99 -5.04 13.53
C VAL A 268 22.87 -4.29 12.19
N CYS A 269 22.15 -3.18 12.19
CA CYS A 269 21.81 -2.50 10.93
C CYS A 269 22.94 -1.70 10.34
N LEU A 270 24.03 -1.52 11.09
CA LEU A 270 25.25 -0.91 10.55
C LEU A 270 25.94 -1.89 9.58
N ASP A 271 25.53 -3.17 9.50
CA ASP A 271 26.04 -4.06 8.41
C ASP A 271 25.38 -3.49 7.12
N PRO A 272 26.19 -3.13 6.10
CA PRO A 272 25.59 -2.57 4.88
C PRO A 272 24.70 -3.51 4.11
N ARG A 273 24.76 -4.80 4.39
CA ARG A 273 23.91 -5.79 3.73
C ARG A 273 22.60 -5.90 4.50
N ILE A 274 22.46 -5.16 5.60
CA ILE A 274 21.21 -5.21 6.40
C ILE A 274 20.55 -3.82 6.34
N GLY A 275 21.24 -2.77 6.77
CA GLY A 275 20.74 -1.41 6.59
C GLY A 275 19.80 -0.90 7.64
N ASN A 276 19.86 0.43 7.78
CA ASN A 276 19.04 1.15 8.75
C ASN A 276 17.71 1.60 8.15
N HIS A 277 16.86 0.64 7.86
CA HIS A 277 15.52 0.92 7.33
C HIS A 277 14.66 -0.27 7.73
N TYR A 278 13.33 -0.09 7.77
CA TYR A 278 12.42 -1.18 8.08
C TYR A 278 12.93 -2.06 9.23
N ASN A 279 13.27 -1.36 10.31
CA ASN A 279 13.85 -2.04 11.49
C ASN A 279 13.29 -1.38 12.75
N ASN A 280 12.07 -0.89 12.66
CA ASN A 280 11.42 -0.20 13.77
C ASN A 280 10.48 -1.13 14.51
N PRO A 281 10.78 -1.51 15.75
CA PRO A 281 9.85 -2.41 16.47
C PRO A 281 8.47 -1.80 16.56
N SER A 282 7.48 -2.70 16.55
CA SER A 282 6.08 -2.28 16.56
C SER A 282 5.22 -3.36 17.17
N PHE A 283 3.91 -3.13 17.15
CA PHE A 283 3.00 -4.13 17.66
C PHE A 283 2.65 -5.19 16.60
N GLY A 284 3.23 -5.05 15.41
CA GLY A 284 3.01 -5.96 14.30
C GLY A 284 2.94 -5.21 12.99
N TYR A 285 3.29 -5.90 11.88
CA TYR A 285 3.09 -5.17 10.62
C TYR A 285 1.58 -5.04 10.35
N GLY A 286 1.18 -4.02 9.60
CA GLY A 286 -0.25 -3.84 9.35
C GLY A 286 -0.51 -3.07 8.07
N GLY A 287 -1.62 -2.34 8.02
CA GLY A 287 -1.92 -1.61 6.78
C GLY A 287 -2.82 -2.43 5.89
N TYR A 288 -3.06 -1.88 4.70
CA TYR A 288 -3.95 -2.53 3.75
C TYR A 288 -3.26 -3.42 2.77
N CYS A 289 -1.95 -3.52 2.92
CA CYS A 289 -1.15 -4.28 2.00
C CYS A 289 -0.43 -5.50 2.56
N LEU A 290 0.42 -5.28 3.55
CA LEU A 290 1.26 -6.39 4.05
C LEU A 290 0.46 -7.56 4.61
N PRO A 291 -0.58 -7.33 5.45
CA PRO A 291 -1.33 -8.48 5.98
C PRO A 291 -2.00 -9.30 4.89
N LYS A 292 -2.50 -8.63 3.87
CA LYS A 292 -3.16 -9.39 2.80
C LYS A 292 -2.17 -10.03 1.85
N ASP A 293 -1.09 -9.34 1.49
CA ASP A 293 -0.16 -9.90 0.52
C ASP A 293 0.59 -11.11 1.07
N THR A 294 0.95 -11.02 2.36
CA THR A 294 1.63 -12.17 2.97
C THR A 294 0.73 -13.44 2.94
N LYS A 295 -0.57 -13.24 3.21
CA LYS A 295 -1.53 -14.35 3.17
C LYS A 295 -1.80 -14.83 1.73
N GLN A 296 -1.82 -13.89 0.80
CA GLN A 296 -2.06 -14.23 -0.60
C GLN A 296 -0.89 -15.09 -1.08
N LEU A 297 0.34 -14.64 -0.74
CA LEU A 297 1.53 -15.41 -1.16
C LEU A 297 1.52 -16.80 -0.50
N LEU A 298 1.21 -16.86 0.82
CA LEU A 298 1.14 -18.15 1.47
C LEU A 298 0.14 -19.11 0.77
N ALA A 299 -1.03 -18.58 0.37
CA ALA A 299 -1.99 -19.44 -0.34
C ALA A 299 -1.36 -19.93 -1.66
N ASN A 300 -0.58 -19.07 -2.32
CA ASN A 300 0.07 -19.50 -3.57
C ASN A 300 1.13 -20.58 -3.35
N TYR A 301 1.58 -20.74 -2.10
CA TYR A 301 2.55 -21.80 -1.73
C TYR A 301 1.86 -23.08 -1.26
N GLU A 302 0.55 -23.21 -1.47
CA GLU A 302 -0.11 -24.43 -1.00
C GLU A 302 0.62 -25.73 -1.38
N SER A 303 1.21 -25.79 -2.56
CA SER A 303 1.92 -26.99 -3.01
C SER A 303 3.44 -26.87 -3.09
N VAL A 304 3.99 -25.86 -2.41
CA VAL A 304 5.41 -25.64 -2.43
C VAL A 304 5.95 -25.69 -1.01
N PRO A 305 6.80 -26.66 -0.71
CA PRO A 305 7.39 -26.79 0.63
C PRO A 305 7.98 -25.47 1.12
N ASN A 306 7.66 -25.10 2.36
CA ASN A 306 8.23 -23.84 2.88
C ASN A 306 8.12 -23.78 4.40
N ASN A 307 8.96 -22.92 4.99
CA ASN A 307 8.79 -22.60 6.40
C ASN A 307 8.75 -21.11 6.59
N ILE A 308 9.53 -20.36 5.82
CA ILE A 308 9.55 -18.90 6.04
C ILE A 308 8.23 -18.22 5.63
N ILE A 309 7.67 -18.58 4.47
CA ILE A 309 6.44 -17.92 4.02
C ILE A 309 5.35 -18.09 5.08
N ALA A 310 5.15 -19.31 5.58
CA ALA A 310 4.11 -19.53 6.59
C ALA A 310 4.46 -18.83 7.90
N ALA A 311 5.74 -18.80 8.24
CA ALA A 311 6.11 -18.17 9.53
C ALA A 311 5.90 -16.67 9.53
N ILE A 312 5.93 -16.00 8.38
CA ILE A 312 5.75 -14.56 8.38
C ILE A 312 4.35 -14.23 8.85
N VAL A 313 3.37 -15.04 8.44
CA VAL A 313 2.02 -14.84 8.88
C VAL A 313 1.88 -15.18 10.37
N ASP A 314 2.39 -16.35 10.75
CA ASP A 314 2.25 -16.75 12.14
C ASP A 314 2.96 -15.78 13.11
N ALA A 315 4.12 -15.29 12.71
CA ALA A 315 4.93 -14.41 13.56
C ALA A 315 4.16 -13.19 13.99
N ASN A 316 3.28 -12.66 13.14
CA ASN A 316 2.55 -11.44 13.51
C ASN A 316 1.56 -11.74 14.64
N ARG A 317 0.92 -12.91 14.60
CA ARG A 317 -0.01 -13.28 15.66
C ARG A 317 0.79 -13.46 16.96
N THR A 318 1.94 -14.13 16.86
CA THR A 318 2.77 -14.35 18.05
C THR A 318 3.24 -13.03 18.65
N ARG A 319 3.62 -12.08 17.82
CA ARG A 319 4.09 -10.78 18.32
C ARG A 319 2.92 -10.06 19.02
N LYS A 320 1.74 -10.11 18.44
CA LYS A 320 0.57 -9.41 19.06
C LYS A 320 0.25 -10.06 20.41
N ASP A 321 0.40 -11.37 20.48
CA ASP A 321 0.16 -12.10 21.76
C ASP A 321 1.20 -11.67 22.79
N PHE A 322 2.45 -11.55 22.37
CA PHE A 322 3.53 -11.15 23.28
C PHE A 322 3.30 -9.72 23.79
N ILE A 323 2.95 -8.80 22.91
CA ILE A 323 2.66 -7.40 23.31
C ILE A 323 1.45 -7.33 24.27
N ALA A 324 0.38 -8.01 23.92
CA ALA A 324 -0.81 -7.99 24.81
C ALA A 324 -0.45 -8.61 26.16
N ASP A 325 0.31 -9.70 26.16
CA ASP A 325 0.67 -10.34 27.43
C ASP A 325 1.51 -9.39 28.28
N SER A 326 2.38 -8.63 27.65
CA SER A 326 3.21 -7.68 28.40
C SER A 326 2.34 -6.60 29.07
N ILE A 327 1.39 -6.07 28.32
CA ILE A 327 0.50 -5.05 28.88
C ILE A 327 -0.35 -5.68 30.00
N LEU A 328 -0.91 -6.84 29.77
CA LEU A 328 -1.76 -7.49 30.80
C LEU A 328 -0.95 -7.81 32.05
N ALA A 329 0.35 -8.07 31.95
CA ALA A 329 1.18 -8.37 33.13
C ALA A 329 1.23 -7.17 34.09
N ARG A 330 1.00 -5.96 33.60
CA ARG A 330 1.02 -4.75 34.45
C ARG A 330 -0.30 -4.59 35.21
N LYS A 331 -1.21 -5.52 35.00
CA LYS A 331 -2.51 -5.50 35.67
C LYS A 331 -3.27 -4.19 35.62
N PRO A 332 -3.45 -3.64 34.42
CA PRO A 332 -4.20 -2.39 34.29
C PRO A 332 -5.68 -2.65 34.46
N LYS A 333 -6.41 -1.66 35.00
CA LYS A 333 -7.85 -1.78 35.15
C LYS A 333 -8.51 -1.20 33.92
N VAL A 334 -7.81 -0.25 33.28
CA VAL A 334 -8.31 0.36 32.03
C VAL A 334 -7.07 0.51 31.14
N VAL A 335 -7.19 0.15 29.84
CA VAL A 335 -6.04 0.38 28.93
C VAL A 335 -6.46 1.46 27.95
N GLY A 336 -5.59 2.42 27.72
CA GLY A 336 -5.87 3.48 26.77
C GLY A 336 -5.03 3.30 25.51
N VAL A 337 -5.70 3.52 24.39
CA VAL A 337 -5.00 3.51 23.08
C VAL A 337 -4.84 4.94 22.63
N TYR A 338 -3.60 5.43 22.55
CA TYR A 338 -3.34 6.81 22.10
C TYR A 338 -3.13 6.83 20.59
N ARG A 339 -4.16 7.35 19.90
CA ARG A 339 -4.27 7.49 18.45
C ARG A 339 -4.58 6.19 17.71
N LEU A 340 -5.50 6.25 16.75
CA LEU A 340 -5.78 5.07 15.93
C LEU A 340 -5.34 5.37 14.49
N SER A 352 -3.46 -0.74 12.20
CA SER A 352 -4.21 -2.02 12.30
C SER A 352 -3.63 -3.05 13.28
N SER A 353 -2.31 -3.09 13.51
CA SER A 353 -1.84 -4.06 14.49
C SER A 353 -2.25 -3.62 15.91
N ILE A 354 -2.38 -2.31 16.16
CA ILE A 354 -2.80 -1.92 17.51
C ILE A 354 -4.23 -2.42 17.77
N GLN A 355 -5.05 -2.55 16.72
CA GLN A 355 -6.40 -3.08 16.88
C GLN A 355 -6.33 -4.55 17.33
N GLY A 356 -5.30 -5.29 16.87
CA GLY A 356 -5.15 -6.68 17.28
C GLY A 356 -4.80 -6.77 18.78
N ILE A 357 -4.05 -5.77 19.26
CA ILE A 357 -3.72 -5.72 20.67
C ILE A 357 -4.99 -5.43 21.47
N MET A 358 -5.79 -4.49 20.97
CA MET A 358 -7.04 -4.15 21.64
C MET A 358 -7.95 -5.37 21.74
N LYS A 359 -8.06 -6.14 20.65
CA LYS A 359 -8.88 -7.35 20.70
C LYS A 359 -8.44 -8.28 21.82
N ARG A 360 -7.14 -8.50 21.96
CA ARG A 360 -6.64 -9.37 23.00
C ARG A 360 -6.85 -8.83 24.41
N ILE A 361 -6.75 -7.52 24.61
CA ILE A 361 -6.98 -6.95 25.95
C ILE A 361 -8.46 -7.12 26.31
N LYS A 362 -9.32 -6.84 25.35
CA LYS A 362 -10.77 -6.99 25.60
C LYS A 362 -11.18 -8.41 25.82
N ALA A 363 -10.50 -9.34 25.17
CA ALA A 363 -10.82 -10.76 25.36
C ALA A 363 -10.60 -11.15 26.84
N LYS A 364 -9.76 -10.42 27.56
CA LYS A 364 -9.48 -10.69 28.96
C LYS A 364 -10.38 -9.89 29.89
N GLY A 365 -11.37 -9.22 29.30
CA GLY A 365 -12.32 -8.46 30.09
C GLY A 365 -11.86 -7.14 30.67
N ILE A 366 -10.79 -6.57 30.10
CA ILE A 366 -10.32 -5.27 30.58
C ILE A 366 -10.80 -4.25 29.58
N PRO A 367 -11.41 -3.17 30.06
CA PRO A 367 -11.88 -2.16 29.11
C PRO A 367 -10.75 -1.37 28.47
N VAL A 368 -11.04 -0.95 27.26
CA VAL A 368 -10.11 -0.14 26.47
C VAL A 368 -10.80 1.17 26.12
N ILE A 369 -10.07 2.28 26.26
CA ILE A 369 -10.59 3.60 25.85
C ILE A 369 -9.63 4.09 24.75
N ILE A 370 -10.17 4.85 23.83
CA ILE A 370 -9.40 5.33 22.69
C ILE A 370 -9.32 6.84 22.65
N TYR A 371 -8.13 7.42 22.48
CA TYR A 371 -7.98 8.85 22.25
C TYR A 371 -7.71 8.98 20.75
N GLU A 372 -8.65 9.56 20.00
CA GLU A 372 -8.45 9.76 18.57
C GLU A 372 -9.31 10.92 18.06
N PRO A 373 -8.75 12.15 18.08
CA PRO A 373 -9.44 13.37 17.65
C PRO A 373 -10.08 13.28 16.26
N VAL A 374 -9.51 12.49 15.36
CA VAL A 374 -10.08 12.39 14.03
C VAL A 374 -11.37 11.61 14.00
N MET A 375 -11.63 10.87 15.08
CA MET A 375 -12.82 10.04 15.16
C MET A 375 -13.98 10.81 15.78
N GLN A 376 -15.11 10.87 15.08
CA GLN A 376 -16.26 11.61 15.57
C GLN A 376 -17.26 10.79 16.38
N GLU A 377 -17.24 9.49 16.18
CA GLU A 377 -18.16 8.64 16.92
C GLU A 377 -17.68 8.50 18.35
N ASP A 378 -18.58 8.11 19.25
CA ASP A 378 -18.17 7.97 20.64
C ASP A 378 -17.79 6.55 21.01
N GLU A 379 -17.89 5.63 20.05
CA GLU A 379 -17.57 4.23 20.25
C GLU A 379 -16.91 3.61 19.03
N PHE A 380 -15.89 2.78 19.25
CA PHE A 380 -15.22 2.09 18.14
C PHE A 380 -15.02 0.68 18.59
N PHE A 381 -15.65 -0.25 17.88
CA PHE A 381 -15.58 -1.66 18.20
C PHE A 381 -15.91 -1.93 19.68
N ASN A 382 -16.99 -1.31 20.13
CA ASN A 382 -17.50 -1.49 21.47
C ASN A 382 -16.67 -0.83 22.56
N SER A 383 -15.70 -0.02 22.18
CA SER A 383 -14.84 0.69 23.14
C SER A 383 -15.09 2.18 23.08
N ARG A 384 -15.15 2.85 24.24
CA ARG A 384 -15.36 4.29 24.27
C ARG A 384 -14.25 5.08 23.64
N VAL A 385 -14.63 6.12 22.89
CA VAL A 385 -13.66 7.06 22.35
C VAL A 385 -13.77 8.25 23.31
N VAL A 386 -12.65 8.72 23.84
CA VAL A 386 -12.59 9.82 24.80
C VAL A 386 -12.04 11.04 24.12
N ARG A 387 -12.80 12.15 24.15
CA ARG A 387 -12.39 13.41 23.50
C ARG A 387 -11.36 14.25 24.25
N ASP A 388 -11.42 14.27 25.58
CA ASP A 388 -10.48 15.05 26.40
C ASP A 388 -9.20 14.27 26.74
N LEU A 389 -8.07 14.77 26.27
CA LEU A 389 -6.79 14.13 26.49
C LEU A 389 -6.43 13.97 27.95
N ASN A 390 -6.69 15.00 28.74
CA ASN A 390 -6.38 14.94 30.15
C ASN A 390 -7.16 13.85 30.88
N ALA A 391 -8.43 13.69 30.50
CA ALA A 391 -9.31 12.68 31.10
C ALA A 391 -8.85 11.28 30.70
N PHE A 392 -8.48 11.17 29.42
CA PHE A 392 -7.95 9.90 28.89
C PHE A 392 -6.70 9.53 29.64
N LYS A 393 -5.77 10.48 29.82
CA LYS A 393 -4.53 10.15 30.52
C LYS A 393 -4.75 9.77 31.98
N GLN A 394 -5.75 10.40 32.60
CA GLN A 394 -6.00 10.11 33.97
C GLN A 394 -6.67 8.74 34.19
N GLU A 395 -7.59 8.38 33.30
CA GLU A 395 -8.30 7.10 33.42
C GLU A 395 -7.46 5.89 33.02
N ALA A 396 -6.65 6.02 31.95
CA ALA A 396 -5.86 4.88 31.51
C ALA A 396 -4.75 4.46 32.45
N ASP A 397 -4.73 3.21 32.88
CA ASP A 397 -3.66 2.73 33.76
C ASP A 397 -2.35 2.51 33.00
N VAL A 398 -2.50 2.08 31.74
CA VAL A 398 -1.37 1.86 30.79
C VAL A 398 -1.90 2.53 29.50
N ILE A 399 -1.05 3.30 28.82
CA ILE A 399 -1.40 3.95 27.58
C ILE A 399 -0.50 3.29 26.51
N ILE A 400 -1.13 2.67 25.50
CA ILE A 400 -0.31 2.05 24.44
C ILE A 400 -0.38 2.93 23.19
N SER A 401 0.75 2.96 22.47
CA SER A 401 0.82 3.81 21.29
C SER A 401 1.92 3.30 20.35
N ASN A 402 1.77 3.68 19.09
CA ASN A 402 2.78 3.39 18.09
C ASN A 402 3.91 4.38 18.08
N ARG A 403 3.85 5.46 18.86
CA ARG A 403 4.92 6.45 18.86
C ARG A 403 4.85 7.25 20.15
N MET A 404 5.98 7.58 20.74
CA MET A 404 5.95 8.42 21.92
C MET A 404 5.58 9.80 21.37
N ALA A 405 4.84 10.58 22.12
CA ALA A 405 4.46 11.90 21.66
C ALA A 405 4.75 12.85 22.79
N GLU A 406 5.01 14.11 22.46
CA GLU A 406 5.31 15.08 23.49
C GLU A 406 4.14 15.15 24.45
N GLU A 407 2.92 14.97 23.94
CA GLU A 407 1.72 15.01 24.78
C GLU A 407 1.69 13.96 25.87
N LEU A 408 2.48 12.90 25.73
CA LEU A 408 2.50 11.85 26.74
C LEU A 408 3.69 11.92 27.66
N ALA A 409 4.58 12.90 27.45
CA ALA A 409 5.78 13.05 28.28
C ALA A 409 5.33 13.14 29.73
N ASP A 410 4.23 13.83 29.90
CA ASP A 410 3.56 14.05 31.16
C ASP A 410 3.31 12.72 31.91
N VAL A 411 3.00 11.67 31.15
CA VAL A 411 2.68 10.36 31.73
C VAL A 411 3.50 9.19 31.18
N ALA A 412 4.75 9.48 30.79
CA ALA A 412 5.64 8.49 30.22
C ALA A 412 5.79 7.23 31.03
N ASP A 413 5.69 7.33 32.36
CA ASP A 413 5.83 6.12 33.16
C ASP A 413 4.78 5.08 32.91
N LYS A 414 3.61 5.49 32.43
CA LYS A 414 2.62 4.48 32.17
C LYS A 414 2.33 4.32 30.68
N VAL A 415 3.25 4.82 29.85
CA VAL A 415 3.13 4.66 28.42
C VAL A 415 3.94 3.44 27.99
N TYR A 416 3.32 2.57 27.18
CA TYR A 416 4.01 1.38 26.65
C TYR A 416 4.02 1.50 25.11
N THR A 417 5.23 1.67 24.60
CA THR A 417 5.44 1.66 23.16
C THR A 417 6.81 1.00 22.92
N ARG A 418 6.92 0.27 21.82
CA ARG A 418 8.19 -0.34 21.48
C ARG A 418 8.85 0.46 20.32
N ASP A 419 8.17 1.52 19.87
CA ASP A 419 8.70 2.33 18.79
C ASP A 419 10.07 2.89 19.13
N LEU A 420 10.94 2.90 18.12
CA LEU A 420 12.27 3.48 18.25
C LEU A 420 12.48 4.63 17.25
N PHE A 421 11.96 4.54 16.03
CA PHE A 421 12.25 5.54 15.00
C PHE A 421 11.06 6.35 14.46
N GLY A 422 9.91 6.26 15.12
CA GLY A 422 8.73 6.95 14.62
C GLY A 422 8.81 8.46 14.60
N ASN A 423 9.73 9.04 15.39
CA ASN A 423 9.89 10.49 15.41
C ASN A 423 11.09 10.95 14.61
N ASP A 424 11.72 10.04 13.86
CA ASP A 424 12.84 10.44 13.01
C ASP A 424 12.18 10.53 11.63
N LEU A 425 11.88 11.75 11.20
CA LEU A 425 11.20 11.95 9.92
C LEU A 425 11.91 11.50 8.66
N GLU A 426 13.21 11.25 8.73
CA GLU A 426 13.98 10.82 7.56
C GLU A 426 14.17 9.30 7.57
N HIS A 427 13.69 8.63 8.62
CA HIS A 427 13.86 7.19 8.70
C HIS A 427 12.80 6.45 7.88
N HIS A 428 13.24 5.45 7.10
CA HIS A 428 12.36 4.68 6.22
C HIS A 428 11.93 3.37 6.86
N HIS A 429 10.65 3.20 7.20
CA HIS A 429 10.20 1.94 7.80
C HIS A 429 8.72 1.76 7.45
N HIS A 430 8.17 0.66 7.90
CA HIS A 430 6.76 0.36 7.63
C HIS A 430 5.86 1.22 8.49
N HIS A 431 4.82 1.77 7.89
CA HIS A 431 3.89 2.54 8.73
C HIS A 431 2.48 2.31 8.20
N HIS A 432 1.53 2.17 9.10
CA HIS A 432 0.14 1.95 8.70
C HIS A 432 -0.84 2.65 9.63
#